data_2I7Q
#
_entry.id   2I7Q
#
_cell.length_a   61.798
_cell.length_b   61.798
_cell.length_c   218.193
_cell.angle_alpha   90.00
_cell.angle_beta   90.00
_cell.angle_gamma   90.00
#
_symmetry.space_group_name_H-M   'P 43 21 2'
#
loop_
_entity.id
_entity.type
_entity.pdbx_description
1 polymer 'Choline kinase alpha'
2 non-polymer 'CHLORIDE ION'
3 non-polymer 'UNKNOWN ATOM OR ION'
4 water water
#
_entity_poly.entity_id   1
_entity_poly.type   'polypeptide(L)'
_entity_poly.pdbx_seq_one_letter_code
;MGSSHHHHHHSSGLVPRGSPQPPADEQPEPRTRRRAYLWCKEFLPGAWRGLREDEFHISVIRGGLSNMLFQCSLPDTTAT
LGDEPRKVLLRLYGAILQMRSCNKEGSEQAQKENEFQGAEAMVLESVMFAILAERSLGPKLYGIFPQGRLEQFIPSRRLD
TEELSLPDISAEIAEKMATFHGMKMPFNKEPKWLFGTMEKYLKEVLRIKFTEESRIKKLHKLLSYNLPLELENLRSLLES
TPSPVVFCHNDCQEGNILLLEGRENSEKQKLMLIDFEYSSYNYRGFDIGNHFCEWMYDYSYEKYPFFRANIRKYPTKKQQ
LHFISSYLPAFQNDFENLSTEEKSIIKEEMLLEVNRFALASHFLWGLWSIVQAKISSIEFGYMDYAQARFDAYFHQKRKL
GV
;
_entity_poly.pdbx_strand_id   A
#
loop_
_chem_comp.id
_chem_comp.type
_chem_comp.name
_chem_comp.formula
CL non-polymer 'CHLORIDE ION' 'Cl -1'
UNX non-polymer 'UNKNOWN ATOM OR ION' ?
#
# COMPACT_ATOMS: atom_id res chain seq x y z
N GLU A 26 4.74 -25.58 -4.31
CA GLU A 26 5.58 -25.84 -3.09
C GLU A 26 4.68 -26.24 -1.90
N GLN A 27 5.07 -27.35 -1.24
CA GLN A 27 4.37 -27.82 -0.05
C GLN A 27 4.91 -27.14 1.23
N PRO A 28 4.01 -26.81 2.17
CA PRO A 28 4.45 -26.27 3.47
C PRO A 28 5.02 -27.34 4.38
N GLU A 29 5.61 -26.93 5.51
CA GLU A 29 6.07 -27.90 6.53
C GLU A 29 4.88 -28.71 7.06
N PRO A 30 5.05 -30.02 7.31
CA PRO A 30 3.89 -30.83 7.72
C PRO A 30 3.16 -30.28 8.96
N ARG A 31 3.90 -29.67 9.88
CA ARG A 31 3.32 -29.11 11.10
C ARG A 31 2.23 -28.11 10.70
N THR A 32 2.54 -27.26 9.74
CA THR A 32 1.64 -26.18 9.35
C THR A 32 0.54 -26.67 8.41
N ARG A 33 0.85 -27.66 7.56
CA ARG A 33 -0.21 -28.32 6.81
C ARG A 33 -1.34 -28.78 7.76
N ARG A 34 -0.97 -29.43 8.86
N ARG A 34 -0.95 -29.44 8.86
CA ARG A 34 -1.99 -29.95 9.77
CA ARG A 34 -1.91 -29.95 9.85
C ARG A 34 -2.70 -28.85 10.59
C ARG A 34 -2.70 -28.81 10.48
N ARG A 35 -1.99 -27.78 10.93
CA ARG A 35 -2.63 -26.57 11.51
C ARG A 35 -3.60 -25.92 10.49
N ALA A 36 -3.11 -25.70 9.27
CA ALA A 36 -3.96 -25.18 8.15
C ALA A 36 -5.18 -26.05 7.91
N TYR A 37 -5.01 -27.37 7.90
CA TYR A 37 -6.11 -28.27 7.78
C TYR A 37 -7.16 -28.05 8.87
N LEU A 38 -6.69 -27.93 10.12
CA LEU A 38 -7.56 -27.78 11.28
CA LEU A 38 -7.61 -27.80 11.25
C LEU A 38 -8.31 -26.43 11.23
N TRP A 39 -7.59 -25.38 10.90
CA TRP A 39 -8.24 -24.06 10.73
C TRP A 39 -9.32 -24.08 9.67
N CYS A 40 -9.03 -24.65 8.49
CA CYS A 40 -10.03 -24.67 7.43
C CYS A 40 -11.21 -25.53 7.80
N LYS A 41 -10.94 -26.64 8.47
CA LYS A 41 -11.98 -27.58 8.81
C LYS A 41 -12.97 -27.03 9.85
N GLU A 42 -12.45 -26.27 10.80
CA GLU A 42 -13.30 -25.71 11.88
C GLU A 42 -13.86 -24.28 11.62
N PHE A 43 -13.18 -23.48 10.78
CA PHE A 43 -13.63 -22.10 10.46
C PHE A 43 -14.48 -21.97 9.21
N LEU A 44 -14.37 -22.93 8.28
CA LEU A 44 -15.12 -22.88 7.02
C LEU A 44 -16.24 -23.86 7.01
N PRO A 45 -17.38 -23.45 6.47
CA PRO A 45 -18.59 -24.24 6.38
C PRO A 45 -18.63 -25.31 5.26
N GLY A 46 -19.73 -26.06 5.23
CA GLY A 46 -20.01 -27.03 4.18
C GLY A 46 -19.05 -28.19 4.04
N ALA A 47 -18.53 -28.38 2.84
CA ALA A 47 -17.63 -29.50 2.51
C ALA A 47 -16.37 -29.51 3.33
N TRP A 48 -15.96 -28.33 3.79
CA TRP A 48 -14.73 -28.21 4.58
C TRP A 48 -14.85 -28.93 5.94
N ARG A 49 -16.06 -28.91 6.50
CA ARG A 49 -16.29 -29.35 7.88
C ARG A 49 -16.10 -30.85 7.95
N GLY A 50 -16.44 -31.53 6.86
CA GLY A 50 -16.31 -32.97 6.77
C GLY A 50 -15.07 -33.46 6.02
N LEU A 51 -14.09 -32.59 5.84
CA LEU A 51 -12.92 -32.93 5.02
C LEU A 51 -11.95 -33.78 5.82
N ARG A 52 -11.42 -34.82 5.18
CA ARG A 52 -10.35 -35.62 5.79
C ARG A 52 -9.01 -35.02 5.45
N GLU A 53 -8.03 -35.15 6.35
CA GLU A 53 -6.70 -34.59 6.17
C GLU A 53 -6.05 -34.98 4.85
N ASP A 54 -6.22 -36.24 4.46
CA ASP A 54 -5.59 -36.73 3.21
C ASP A 54 -6.17 -36.03 1.96
N GLU A 55 -7.38 -35.49 2.07
CA GLU A 55 -8.05 -34.72 0.99
C GLU A 55 -7.65 -33.22 0.91
N PHE A 56 -6.97 -32.71 1.93
CA PHE A 56 -6.64 -31.27 2.02
C PHE A 56 -5.51 -30.87 1.08
N HIS A 57 -5.73 -29.81 0.27
CA HIS A 57 -4.68 -29.24 -0.57
C HIS A 57 -4.22 -27.89 -0.06
N ILE A 58 -2.91 -27.75 0.10
CA ILE A 58 -2.29 -26.47 0.44
C ILE A 58 -0.99 -26.25 -0.34
N SER A 59 -0.82 -25.04 -0.87
CA SER A 59 0.44 -24.67 -1.51
C SER A 59 0.85 -23.28 -1.07
N VAL A 60 2.17 -23.09 -0.97
CA VAL A 60 2.76 -21.82 -0.63
C VAL A 60 2.65 -20.77 -1.75
N ILE A 61 1.98 -19.66 -1.44
CA ILE A 61 2.07 -18.42 -2.20
C ILE A 61 3.23 -17.62 -1.63
N MET A 68 3.52 -14.80 5.68
CA MET A 68 3.56 -15.87 4.69
C MET A 68 2.17 -16.40 4.31
N LEU A 69 1.98 -16.64 3.01
CA LEU A 69 0.68 -16.85 2.41
C LEU A 69 0.56 -18.24 1.82
N PHE A 70 -0.61 -18.88 2.00
CA PHE A 70 -0.89 -20.21 1.43
C PHE A 70 -2.25 -20.22 0.81
N GLN A 71 -2.36 -20.91 -0.33
CA GLN A 71 -3.64 -21.26 -0.92
C GLN A 71 -4.08 -22.61 -0.36
N CYS A 72 -5.29 -22.65 0.17
CA CYS A 72 -5.88 -23.86 0.73
C CYS A 72 -7.08 -24.18 -0.11
N SER A 73 -7.27 -25.44 -0.45
CA SER A 73 -8.36 -25.76 -1.36
C SER A 73 -8.95 -27.14 -1.19
N LEU A 74 -10.20 -27.25 -1.62
CA LEU A 74 -10.91 -28.49 -1.64
C LEU A 74 -10.36 -29.34 -2.83
N PRO A 75 -10.48 -30.69 -2.75
CA PRO A 75 -10.31 -31.49 -3.98
C PRO A 75 -11.32 -31.13 -5.05
N ASP A 76 -10.87 -31.17 -6.31
CA ASP A 76 -11.75 -30.87 -7.45
C ASP A 76 -12.96 -31.80 -7.52
N THR A 77 -12.82 -32.99 -6.94
CA THR A 77 -13.91 -33.98 -6.89
C THR A 77 -14.81 -33.93 -5.65
N THR A 78 -14.62 -32.92 -4.79
CA THR A 78 -15.54 -32.69 -3.66
C THR A 78 -16.48 -31.58 -4.05
N ALA A 79 -17.76 -31.86 -4.17
CA ALA A 79 -18.76 -30.83 -4.43
C ALA A 79 -18.94 -29.92 -3.23
N THR A 80 -19.31 -28.68 -3.52
CA THR A 80 -19.66 -27.71 -2.51
CA THR A 80 -19.67 -27.73 -2.48
C THR A 80 -21.09 -28.01 -2.04
N LEU A 81 -21.31 -27.92 -0.72
CA LEU A 81 -22.58 -28.24 -0.09
C LEU A 81 -23.51 -27.05 -0.05
N GLY A 82 -22.92 -25.85 0.02
CA GLY A 82 -23.69 -24.60 -0.02
C GLY A 82 -22.87 -23.57 -0.75
N ASP A 83 -22.64 -22.44 -0.10
CA ASP A 83 -21.94 -21.32 -0.72
C ASP A 83 -20.54 -21.09 -0.17
N GLU A 84 -19.96 -22.14 0.41
CA GLU A 84 -18.61 -22.08 0.93
C GLU A 84 -17.62 -21.88 -0.22
N PRO A 85 -16.47 -21.22 0.04
CA PRO A 85 -15.43 -21.08 -0.97
C PRO A 85 -14.74 -22.43 -1.26
N ARG A 86 -14.37 -22.66 -2.52
CA ARG A 86 -13.62 -23.88 -2.90
C ARG A 86 -12.18 -23.68 -2.60
N LYS A 87 -11.77 -22.41 -2.59
CA LYS A 87 -10.48 -22.12 -2.06
C LYS A 87 -10.32 -20.79 -1.34
N VAL A 88 -9.30 -20.76 -0.48
CA VAL A 88 -9.04 -19.65 0.41
C VAL A 88 -7.57 -19.35 0.54
N LEU A 89 -7.32 -18.17 1.09
CA LEU A 89 -6.00 -17.71 1.41
C LEU A 89 -5.77 -17.79 2.90
N LEU A 90 -4.68 -18.44 3.28
CA LEU A 90 -4.28 -18.48 4.65
C LEU A 90 -3.08 -17.57 4.83
N ARG A 91 -3.26 -16.54 5.66
CA ARG A 91 -2.21 -15.61 5.99
C ARG A 91 -1.72 -15.86 7.43
N LEU A 92 -0.44 -16.19 7.56
CA LEU A 92 0.16 -16.40 8.88
C LEU A 92 0.93 -15.16 9.28
N TYR A 93 0.74 -14.69 10.51
CA TYR A 93 1.46 -13.50 11.00
C TYR A 93 2.90 -13.92 11.36
N GLU A 120 -2.71 -4.33 20.75
CA GLU A 120 -3.21 -3.04 20.26
C GLU A 120 -3.25 -2.98 18.72
N ALA A 121 -2.07 -2.97 18.10
CA ALA A 121 -1.93 -2.93 16.64
C ALA A 121 -2.58 -4.16 15.97
N MET A 122 -2.52 -5.31 16.63
CA MET A 122 -3.19 -6.51 16.12
C MET A 122 -4.72 -6.37 16.16
N VAL A 123 -5.22 -5.75 17.23
CA VAL A 123 -6.66 -5.47 17.34
C VAL A 123 -7.10 -4.55 16.21
N LEU A 124 -6.36 -3.46 15.99
CA LEU A 124 -6.71 -2.48 14.98
C LEU A 124 -6.69 -3.01 13.56
N GLU A 125 -5.65 -3.79 13.24
CA GLU A 125 -5.53 -4.40 11.91
C GLU A 125 -6.68 -5.36 11.64
N SER A 126 -7.05 -6.14 12.66
CA SER A 126 -8.11 -7.13 12.51
C SER A 126 -9.49 -6.48 12.35
N VAL A 127 -9.79 -5.47 13.18
CA VAL A 127 -11.01 -4.71 13.02
C VAL A 127 -11.08 -4.02 11.64
N MET A 128 -10.00 -3.40 11.21
CA MET A 128 -10.01 -2.73 9.92
C MET A 128 -10.31 -3.70 8.82
N PHE A 129 -9.61 -4.83 8.80
CA PHE A 129 -9.81 -5.84 7.74
C PHE A 129 -11.28 -6.37 7.71
N ALA A 130 -11.83 -6.63 8.90
CA ALA A 130 -13.19 -7.09 9.00
C ALA A 130 -14.17 -6.05 8.46
N ILE A 131 -13.93 -4.77 8.77
CA ILE A 131 -14.85 -3.72 8.32
C ILE A 131 -14.78 -3.57 6.80
N LEU A 132 -13.57 -3.50 6.25
CA LEU A 132 -13.39 -3.36 4.78
C LEU A 132 -14.01 -4.57 4.09
N ALA A 133 -13.89 -5.76 4.71
CA ALA A 133 -14.59 -6.97 4.22
C ALA A 133 -16.10 -6.86 4.21
N GLU A 134 -16.69 -6.38 5.30
CA GLU A 134 -18.12 -6.12 5.35
C GLU A 134 -18.57 -5.17 4.28
N ARG A 135 -17.79 -4.13 4.04
CA ARG A 135 -18.11 -3.09 3.07
C ARG A 135 -17.80 -3.43 1.61
N SER A 136 -17.27 -4.62 1.37
CA SER A 136 -16.84 -5.07 0.04
C SER A 136 -15.70 -4.25 -0.57
N LEU A 137 -14.89 -3.61 0.27
CA LEU A 137 -13.74 -2.89 -0.22
C LEU A 137 -12.52 -3.80 -0.23
N GLY A 138 -12.48 -4.77 0.68
CA GLY A 138 -11.36 -5.73 0.70
C GLY A 138 -11.79 -7.18 0.48
N PRO A 139 -10.81 -8.13 0.56
CA PRO A 139 -11.18 -9.58 0.50
C PRO A 139 -12.09 -9.95 1.68
N LYS A 140 -13.03 -10.87 1.47
CA LYS A 140 -13.82 -11.40 2.55
C LYS A 140 -12.98 -12.07 3.63
N LEU A 141 -13.49 -12.03 4.85
CA LEU A 141 -12.76 -12.52 5.99
C LEU A 141 -13.54 -13.77 6.45
N TYR A 142 -12.89 -14.94 6.37
CA TYR A 142 -13.57 -16.21 6.74
C TYR A 142 -13.22 -16.71 8.12
N GLY A 143 -12.05 -16.37 8.59
CA GLY A 143 -11.60 -16.80 9.91
C GLY A 143 -10.49 -15.95 10.49
N ILE A 144 -10.56 -15.75 11.81
CA ILE A 144 -9.52 -15.05 12.56
CA ILE A 144 -9.51 -15.05 12.56
C ILE A 144 -9.17 -15.86 13.83
N PHE A 145 -7.89 -15.92 14.13
CA PHE A 145 -7.33 -16.72 15.20
C PHE A 145 -5.92 -16.15 15.54
N PRO A 146 -5.38 -16.49 16.73
CA PRO A 146 -4.09 -15.95 17.14
C PRO A 146 -2.98 -15.94 16.07
N GLN A 147 -2.83 -17.05 15.37
CA GLN A 147 -1.69 -17.24 14.47
C GLN A 147 -1.89 -16.58 13.09
N GLY A 148 -3.13 -16.23 12.74
CA GLY A 148 -3.41 -15.64 11.43
C GLY A 148 -4.88 -15.49 11.06
N ARG A 149 -5.14 -15.58 9.76
CA ARG A 149 -6.42 -15.23 9.16
C ARG A 149 -6.67 -16.08 7.92
N LEU A 150 -7.93 -16.44 7.67
CA LEU A 150 -8.38 -17.05 6.40
C LEU A 150 -9.12 -16.00 5.64
N GLU A 151 -8.65 -15.66 4.43
CA GLU A 151 -9.27 -14.65 3.60
C GLU A 151 -9.74 -15.20 2.28
N GLN A 152 -10.58 -14.42 1.62
CA GLN A 152 -11.04 -14.74 0.29
C GLN A 152 -9.84 -14.81 -0.62
N PHE A 153 -9.81 -15.81 -1.48
CA PHE A 153 -8.73 -15.92 -2.48
C PHE A 153 -9.25 -15.22 -3.73
N ILE A 154 -8.51 -14.20 -4.19
CA ILE A 154 -8.92 -13.38 -5.30
C ILE A 154 -8.07 -13.74 -6.52
N PRO A 155 -8.63 -14.46 -7.52
CA PRO A 155 -7.89 -14.72 -8.77
C PRO A 155 -7.53 -13.38 -9.50
N SER A 156 -6.24 -13.20 -9.71
CA SER A 156 -5.66 -11.89 -9.99
C SER A 156 -4.19 -11.98 -10.22
N ARG A 157 -3.60 -10.87 -10.63
CA ARG A 157 -2.16 -10.62 -10.54
C ARG A 157 -1.94 -9.19 -10.11
N ARG A 158 -0.75 -8.91 -9.58
CA ARG A 158 -0.34 -7.54 -9.28
C ARG A 158 -0.10 -6.77 -10.56
N LEU A 159 -0.27 -5.45 -10.46
CA LEU A 159 0.14 -4.55 -11.51
C LEU A 159 1.64 -4.42 -11.52
N ASP A 160 2.18 -4.11 -12.72
CA ASP A 160 3.58 -3.71 -12.90
C ASP A 160 3.62 -2.21 -12.89
N THR A 161 4.78 -1.65 -12.54
CA THR A 161 4.99 -0.22 -12.47
C THR A 161 4.49 0.56 -13.70
N GLU A 162 4.82 0.03 -14.87
CA GLU A 162 4.50 0.70 -16.17
C GLU A 162 2.99 0.80 -16.42
N GLU A 163 2.20 -0.08 -15.79
CA GLU A 163 0.74 -0.02 -15.96
C GLU A 163 0.05 1.11 -15.19
N LEU A 164 0.73 1.71 -14.21
CA LEU A 164 0.17 2.77 -13.43
C LEU A 164 -0.17 4.00 -14.22
N SER A 165 0.53 4.20 -15.35
CA SER A 165 0.32 5.33 -16.26
C SER A 165 -0.72 5.12 -17.37
N LEU A 166 -1.11 3.87 -17.59
CA LEU A 166 -2.20 3.55 -18.51
C LEU A 166 -3.43 4.30 -18.06
N PRO A 167 -4.06 5.07 -18.97
CA PRO A 167 -5.09 6.03 -18.52
C PRO A 167 -6.29 5.40 -17.83
N ASP A 168 -6.70 4.23 -18.31
CA ASP A 168 -7.82 3.49 -17.72
C ASP A 168 -7.49 2.94 -16.30
N ILE A 169 -6.25 2.46 -16.16
CA ILE A 169 -5.73 1.99 -14.87
C ILE A 169 -5.68 3.14 -13.89
N SER A 170 -5.06 4.24 -14.30
CA SER A 170 -4.88 5.39 -13.45
C SER A 170 -6.22 5.98 -12.99
N ALA A 171 -7.20 6.05 -13.89
CA ALA A 171 -8.56 6.54 -13.59
C ALA A 171 -9.22 5.62 -12.57
N GLU A 172 -9.05 4.31 -12.76
CA GLU A 172 -9.64 3.37 -11.78
C GLU A 172 -8.98 3.46 -10.39
N ILE A 173 -7.65 3.55 -10.34
CA ILE A 173 -6.95 3.72 -9.08
C ILE A 173 -7.44 4.96 -8.36
N ALA A 174 -7.63 6.06 -9.10
CA ALA A 174 -8.16 7.29 -8.54
C ALA A 174 -9.54 7.06 -7.89
N GLU A 175 -10.39 6.30 -8.56
CA GLU A 175 -11.76 6.01 -8.10
C GLU A 175 -11.72 5.13 -6.87
N LYS A 176 -10.94 4.05 -6.95
CA LYS A 176 -10.75 3.15 -5.78
C LYS A 176 -10.19 3.91 -4.56
N MET A 177 -9.28 4.86 -4.78
CA MET A 177 -8.71 5.62 -3.69
CA MET A 177 -8.71 5.63 -3.67
C MET A 177 -9.74 6.60 -3.11
N ALA A 178 -10.49 7.25 -3.99
CA ALA A 178 -11.56 8.15 -3.56
C ALA A 178 -12.58 7.41 -2.65
N THR A 179 -12.93 6.20 -3.01
CA THR A 179 -13.85 5.32 -2.22
C THR A 179 -13.28 4.96 -0.88
N PHE A 180 -12.00 4.58 -0.88
CA PHE A 180 -11.28 4.28 0.35
C PHE A 180 -11.35 5.51 1.24
N HIS A 181 -11.08 6.71 0.67
CA HIS A 181 -11.08 7.94 1.46
C HIS A 181 -12.48 8.39 2.02
N GLY A 182 -13.54 7.83 1.47
CA GLY A 182 -14.90 8.00 2.03
C GLY A 182 -15.20 7.08 3.20
N MET A 183 -14.35 6.10 3.47
CA MET A 183 -14.55 5.17 4.61
C MET A 183 -14.46 5.87 5.98
N LYS A 184 -15.51 5.73 6.80
CA LYS A 184 -15.42 6.05 8.21
C LYS A 184 -14.90 4.84 8.95
N MET A 185 -13.88 5.02 9.76
CA MET A 185 -13.32 3.95 10.56
C MET A 185 -13.25 4.37 12.00
N PRO A 186 -13.33 3.43 12.96
CA PRO A 186 -13.26 3.65 14.41
C PRO A 186 -11.85 3.89 15.00
N PHE A 187 -11.04 4.66 14.28
CA PHE A 187 -9.65 4.89 14.61
C PHE A 187 -9.44 6.37 14.83
N ASN A 188 -8.31 6.69 15.46
CA ASN A 188 -7.94 8.07 15.79
C ASN A 188 -7.95 8.92 14.51
N LYS A 189 -8.77 9.98 14.52
CA LYS A 189 -8.92 10.85 13.36
C LYS A 189 -7.81 11.95 13.31
N GLU A 190 -7.01 12.11 14.36
CA GLU A 190 -5.90 13.10 14.30
C GLU A 190 -4.84 12.59 13.33
N PRO A 191 -4.37 13.46 12.44
CA PRO A 191 -3.45 12.99 11.40
C PRO A 191 -2.03 13.06 11.92
N LYS A 192 -1.71 12.21 12.88
CA LYS A 192 -0.38 12.22 13.46
C LYS A 192 0.52 11.10 12.95
N TRP A 193 -0.01 10.19 12.12
CA TRP A 193 0.78 9.12 11.56
C TRP A 193 2.01 9.67 10.74
N LEU A 194 1.82 10.72 9.95
CA LEU A 194 2.84 11.10 8.92
C LEU A 194 4.13 11.61 9.58
N PHE A 195 4.01 12.70 10.29
CA PHE A 195 5.15 13.28 11.02
C PHE A 195 5.51 12.49 12.24
N GLY A 196 4.53 11.82 12.87
CA GLY A 196 4.86 10.87 13.94
C GLY A 196 5.81 9.77 13.51
N THR A 197 5.52 9.15 12.36
CA THR A 197 6.38 8.10 11.82
C THR A 197 7.74 8.66 11.37
N MET A 198 7.73 9.78 10.66
CA MET A 198 8.96 10.44 10.22
C MET A 198 9.86 10.82 11.41
N GLU A 199 9.28 11.40 12.47
CA GLU A 199 10.02 11.72 13.69
C GLU A 199 10.61 10.47 14.31
N LYS A 200 9.83 9.41 14.40
CA LYS A 200 10.29 8.15 14.99
C LYS A 200 11.45 7.52 14.20
N TYR A 201 11.37 7.49 12.88
CA TYR A 201 12.46 6.95 12.07
C TYR A 201 13.73 7.82 12.14
N LEU A 202 13.57 9.14 12.07
CA LEU A 202 14.73 10.07 12.18
C LEU A 202 15.51 9.83 13.50
N LYS A 203 14.78 9.65 14.60
CA LYS A 203 15.36 9.30 15.90
C LYS A 203 16.27 8.08 15.74
N GLU A 204 15.76 7.02 15.09
CA GLU A 204 16.56 5.81 14.84
CA GLU A 204 16.54 5.81 14.83
C GLU A 204 17.76 6.08 13.93
N VAL A 205 17.55 6.77 12.82
CA VAL A 205 18.59 7.03 11.86
C VAL A 205 19.79 7.85 12.42
N LEU A 206 19.50 8.74 13.36
CA LEU A 206 20.55 9.54 13.97
C LEU A 206 21.56 8.71 14.78
N ARG A 207 21.09 7.56 15.27
CA ARG A 207 21.83 6.69 16.14
C ARG A 207 22.31 5.40 15.48
N ILE A 208 22.08 5.27 14.17
CA ILE A 208 22.53 4.08 13.48
C ILE A 208 24.05 4.20 13.32
N LYS A 209 24.73 3.10 13.63
CA LYS A 209 26.13 2.95 13.30
C LYS A 209 26.24 1.70 12.46
N PHE A 210 26.75 1.87 11.25
CA PHE A 210 27.03 0.74 10.37
C PHE A 210 28.50 0.39 10.61
N THR A 211 28.87 -0.89 10.53
CA THR A 211 30.30 -1.28 10.62
C THR A 211 30.94 -1.42 9.23
N GLU A 212 30.10 -1.74 8.23
CA GLU A 212 30.53 -2.00 6.87
C GLU A 212 30.95 -0.71 6.21
N GLU A 213 32.06 -0.75 5.47
CA GLU A 213 32.67 0.47 4.94
C GLU A 213 31.68 1.25 4.11
N SER A 214 31.06 0.55 3.16
CA SER A 214 30.18 1.14 2.17
C SER A 214 28.99 1.87 2.81
N ARG A 215 28.34 1.20 3.74
CA ARG A 215 27.14 1.74 4.36
C ARG A 215 27.45 2.97 5.22
N ILE A 216 28.57 2.92 5.94
CA ILE A 216 29.06 4.06 6.74
C ILE A 216 29.17 5.35 5.91
N LYS A 217 29.77 5.22 4.72
CA LYS A 217 29.91 6.33 3.79
C LYS A 217 28.56 6.81 3.26
N LYS A 218 27.67 5.87 2.96
CA LYS A 218 26.33 6.19 2.44
C LYS A 218 25.46 6.94 3.46
N LEU A 219 25.50 6.45 4.69
CA LEU A 219 24.82 7.12 5.81
C LEU A 219 25.36 8.54 6.06
N HIS A 220 26.69 8.68 6.07
CA HIS A 220 27.36 10.04 6.23
CA HIS A 220 27.33 10.00 6.21
C HIS A 220 26.78 10.99 5.22
N LYS A 221 26.70 10.59 3.96
CA LYS A 221 26.16 11.48 2.93
C LYS A 221 24.70 11.85 3.24
N LEU A 222 23.86 10.87 3.56
CA LEU A 222 22.45 11.17 3.87
C LEU A 222 22.35 12.13 5.08
N LEU A 223 23.12 11.84 6.13
CA LEU A 223 23.11 12.65 7.35
C LEU A 223 23.61 14.09 7.11
N SER A 224 24.48 14.27 6.12
CA SER A 224 25.06 15.61 5.83
C SER A 224 24.01 16.65 5.44
N TYR A 225 22.83 16.20 5.01
CA TYR A 225 21.75 17.14 4.68
C TYR A 225 21.19 17.91 5.86
N ASN A 226 21.49 17.46 7.10
CA ASN A 226 20.81 17.95 8.32
C ASN A 226 19.32 17.66 8.21
N LEU A 227 19.01 16.40 8.47
CA LEU A 227 17.66 15.91 8.24
C LEU A 227 16.66 16.48 9.22
N PRO A 228 17.03 16.65 10.51
CA PRO A 228 16.13 17.29 11.47
C PRO A 228 15.61 18.66 11.08
N LEU A 229 16.51 19.52 10.62
CA LEU A 229 16.15 20.83 10.14
C LEU A 229 15.28 20.72 8.89
N GLU A 230 15.68 19.85 7.95
CA GLU A 230 14.93 19.66 6.70
C GLU A 230 13.49 19.10 6.96
N LEU A 231 13.37 18.15 7.87
CA LEU A 231 12.04 17.69 8.32
C LEU A 231 11.13 18.84 8.78
N GLU A 232 11.69 19.77 9.56
CA GLU A 232 10.94 20.94 10.03
C GLU A 232 10.55 21.89 8.91
N ASN A 233 11.43 22.06 7.92
CA ASN A 233 11.10 22.79 6.72
C ASN A 233 9.93 22.15 5.99
N LEU A 234 9.98 20.83 5.85
CA LEU A 234 8.86 20.09 5.25
C LEU A 234 7.55 20.24 6.11
N ARG A 235 7.68 20.18 7.43
CA ARG A 235 6.50 20.36 8.31
C ARG A 235 5.85 21.72 8.05
N SER A 236 6.68 22.74 7.94
CA SER A 236 6.19 24.07 7.72
C SER A 236 5.48 24.23 6.37
N LEU A 237 6.08 23.74 5.31
CA LEU A 237 5.45 23.69 4.01
C LEU A 237 4.10 22.98 4.05
N LEU A 238 4.04 21.82 4.71
CA LEU A 238 2.81 21.02 4.65
C LEU A 238 1.76 21.60 5.61
N GLU A 239 2.18 22.28 6.64
CA GLU A 239 1.24 23.04 7.49
C GLU A 239 0.52 24.15 6.75
N SER A 240 1.22 24.83 5.84
CA SER A 240 0.60 25.87 5.05
C SER A 240 -0.17 25.31 3.88
N THR A 241 -0.40 23.99 3.86
CA THR A 241 -0.96 23.32 2.70
C THR A 241 -2.24 22.54 3.03
N PRO A 242 -3.42 23.19 2.84
CA PRO A 242 -4.69 22.49 3.14
C PRO A 242 -4.82 21.13 2.46
N SER A 243 -5.12 20.12 3.27
CA SER A 243 -5.38 18.78 2.74
C SER A 243 -6.30 18.14 3.78
N PRO A 244 -7.44 17.64 3.32
CA PRO A 244 -8.37 16.98 4.24
C PRO A 244 -7.81 15.65 4.85
N VAL A 245 -8.06 15.42 6.13
CA VAL A 245 -7.70 14.19 6.81
C VAL A 245 -8.79 13.14 6.52
N VAL A 246 -8.37 12.01 5.98
CA VAL A 246 -9.28 10.99 5.48
C VAL A 246 -8.63 9.68 5.79
N PHE A 247 -9.38 8.59 5.68
CA PHE A 247 -8.79 7.29 5.92
C PHE A 247 -7.98 6.90 4.67
N CYS A 248 -6.67 6.82 4.87
CA CYS A 248 -5.71 6.61 3.78
C CYS A 248 -5.16 5.17 3.70
N HIS A 249 -4.90 4.71 2.50
CA HIS A 249 -4.23 3.41 2.32
C HIS A 249 -2.73 3.48 2.77
N ASN A 250 -2.07 4.58 2.36
CA ASN A 250 -0.67 4.95 2.70
C ASN A 250 0.43 4.15 2.00
N ASP A 251 0.04 3.22 1.11
CA ASP A 251 1.03 2.37 0.42
C ASP A 251 0.46 1.89 -0.90
N CYS A 252 -0.10 2.83 -1.67
CA CYS A 252 -0.76 2.49 -2.90
C CYS A 252 0.26 2.39 -4.04
N GLN A 253 1.07 1.34 -3.97
CA GLN A 253 2.02 1.00 -5.04
C GLN A 253 1.46 -0.14 -5.88
N GLU A 254 2.06 -0.36 -7.05
CA GLU A 254 1.60 -1.39 -7.98
C GLU A 254 1.49 -2.80 -7.32
N GLY A 255 2.41 -3.11 -6.41
CA GLY A 255 2.44 -4.36 -5.64
C GLY A 255 1.19 -4.64 -4.81
N ASN A 256 0.43 -3.58 -4.50
CA ASN A 256 -0.75 -3.68 -3.63
C ASN A 256 -2.06 -3.42 -4.38
N ILE A 257 -2.02 -3.47 -5.71
CA ILE A 257 -3.17 -3.27 -6.59
C ILE A 257 -3.32 -4.57 -7.44
N LEU A 258 -4.40 -5.32 -7.20
CA LEU A 258 -4.70 -6.51 -7.96
C LEU A 258 -5.49 -6.20 -9.21
N LEU A 259 -5.05 -6.75 -10.34
CA LEU A 259 -5.81 -6.74 -11.58
C LEU A 259 -6.63 -8.04 -11.58
N LEU A 260 -7.95 -7.90 -11.64
CA LEU A 260 -8.85 -9.03 -11.40
C LEU A 260 -9.01 -9.86 -12.69
N GLU A 261 -8.76 -11.16 -12.56
CA GLU A 261 -8.88 -12.14 -13.66
C GLU A 261 -10.25 -12.10 -14.36
N GLY A 262 -10.23 -12.04 -15.68
CA GLY A 262 -11.45 -11.95 -16.50
C GLY A 262 -11.95 -10.53 -16.70
N ARG A 263 -11.48 -9.58 -15.87
CA ARG A 263 -11.89 -8.18 -15.95
C ARG A 263 -10.87 -7.28 -16.70
N GLU A 264 -9.79 -7.85 -17.22
CA GLU A 264 -8.73 -7.06 -17.92
C GLU A 264 -9.27 -6.28 -19.12
N ASN A 265 -10.35 -6.76 -19.74
CA ASN A 265 -10.98 -6.09 -20.89
C ASN A 265 -12.08 -5.08 -20.51
N SER A 266 -12.28 -4.87 -19.21
CA SER A 266 -13.26 -3.93 -18.72
C SER A 266 -12.64 -2.56 -18.43
N GLU A 267 -13.35 -1.51 -18.83
CA GLU A 267 -12.84 -0.14 -18.70
C GLU A 267 -12.65 0.29 -17.25
N LYS A 268 -13.59 -0.11 -16.38
CA LYS A 268 -13.70 0.52 -15.07
C LYS A 268 -13.66 -0.38 -13.84
N GLN A 269 -13.89 -1.67 -13.97
CA GLN A 269 -14.03 -2.45 -12.71
C GLN A 269 -13.08 -3.64 -12.70
N LYS A 270 -11.79 -3.36 -12.82
CA LYS A 270 -10.84 -4.45 -12.93
C LYS A 270 -9.75 -4.49 -11.85
N LEU A 271 -9.76 -3.55 -10.90
CA LEU A 271 -8.77 -3.47 -9.79
C LEU A 271 -9.37 -3.66 -8.41
N MET A 272 -8.53 -4.12 -7.50
CA MET A 272 -8.80 -4.11 -6.07
C MET A 272 -7.52 -3.64 -5.35
N LEU A 273 -7.63 -2.70 -4.42
CA LEU A 273 -6.52 -2.31 -3.53
C LEU A 273 -6.44 -3.29 -2.37
N ILE A 274 -5.23 -3.77 -2.06
CA ILE A 274 -5.04 -4.70 -0.93
C ILE A 274 -3.90 -4.19 -0.05
N ASP A 275 -3.61 -4.92 1.04
CA ASP A 275 -2.47 -4.73 1.92
C ASP A 275 -2.56 -3.44 2.75
N PHE A 276 -3.26 -3.55 3.87
CA PHE A 276 -3.65 -2.34 4.63
C PHE A 276 -2.77 -2.13 5.84
N GLU A 277 -1.59 -2.74 5.82
CA GLU A 277 -0.61 -2.62 6.87
C GLU A 277 -0.45 -1.17 7.38
N TYR A 278 -0.36 -0.22 6.46
CA TYR A 278 -0.03 1.16 6.83
C TYR A 278 -1.20 2.09 6.90
N SER A 279 -2.38 1.58 6.59
CA SER A 279 -3.57 2.41 6.51
C SER A 279 -3.91 3.09 7.83
N SER A 280 -4.20 4.40 7.76
CA SER A 280 -4.54 5.24 8.91
C SER A 280 -5.16 6.51 8.41
N TYR A 281 -5.81 7.22 9.31
CA TYR A 281 -6.23 8.59 9.02
C TYR A 281 -4.96 9.45 8.74
N ASN A 282 -5.00 10.24 7.67
CA ASN A 282 -3.83 10.94 7.19
C ASN A 282 -4.32 11.98 6.19
N TYR A 283 -3.45 12.95 5.89
CA TYR A 283 -3.63 13.89 4.78
C TYR A 283 -3.86 13.20 3.45
N ARG A 284 -4.97 13.55 2.79
CA ARG A 284 -5.32 12.97 1.53
C ARG A 284 -4.20 13.19 0.50
N GLY A 285 -3.52 14.33 0.65
CA GLY A 285 -2.38 14.71 -0.17
C GLY A 285 -1.29 13.67 -0.16
N PHE A 286 -0.97 13.16 1.03
CA PHE A 286 -0.05 12.06 1.18
C PHE A 286 -0.39 10.84 0.33
N ASP A 287 -1.63 10.38 0.41
CA ASP A 287 -2.00 9.18 -0.30
C ASP A 287 -1.85 9.30 -1.82
N ILE A 288 -2.31 10.43 -2.38
CA ILE A 288 -2.17 10.65 -3.82
C ILE A 288 -0.71 10.92 -4.21
N GLY A 289 -0.03 11.77 -3.44
CA GLY A 289 1.38 12.10 -3.71
C GLY A 289 2.25 10.87 -3.63
N ASN A 290 2.01 10.02 -2.63
CA ASN A 290 2.74 8.74 -2.51
C ASN A 290 2.53 7.84 -3.73
N HIS A 291 1.29 7.73 -4.17
CA HIS A 291 0.96 6.99 -5.35
C HIS A 291 1.72 7.53 -6.60
N PHE A 292 1.69 8.83 -6.84
CA PHE A 292 2.43 9.47 -7.96
C PHE A 292 3.90 9.14 -7.90
N CYS A 293 4.50 9.24 -6.70
CA CYS A 293 5.93 8.87 -6.49
C CYS A 293 6.22 7.47 -6.90
N GLU A 294 5.27 6.53 -6.66
CA GLU A 294 5.49 5.14 -7.02
C GLU A 294 5.57 4.89 -8.53
N TRP A 295 5.10 5.84 -9.35
CA TRP A 295 5.29 5.71 -10.80
C TRP A 295 6.78 5.60 -11.13
N MET A 296 7.63 6.15 -10.26
CA MET A 296 9.10 6.22 -10.49
C MET A 296 9.88 4.99 -10.10
N TYR A 297 9.27 4.06 -9.36
CA TYR A 297 10.02 2.96 -8.74
C TYR A 297 9.50 1.63 -9.19
N ASP A 298 10.41 0.82 -9.70
CA ASP A 298 10.16 -0.53 -10.13
C ASP A 298 10.95 -1.47 -9.23
N TYR A 299 10.22 -2.31 -8.49
CA TYR A 299 10.79 -3.22 -7.50
C TYR A 299 10.94 -4.68 -8.01
N SER A 300 10.75 -4.92 -9.30
CA SER A 300 10.82 -6.29 -9.82
C SER A 300 12.16 -6.54 -10.49
N TYR A 301 13.07 -5.57 -10.37
CA TYR A 301 14.45 -5.73 -10.81
C TYR A 301 15.11 -6.87 -10.04
N GLU A 302 15.67 -7.83 -10.79
CA GLU A 302 16.09 -9.13 -10.25
C GLU A 302 17.57 -9.18 -9.85
N LYS A 303 18.32 -8.12 -10.19
CA LYS A 303 19.71 -7.95 -9.68
C LYS A 303 19.80 -6.74 -8.72
N TYR A 304 20.84 -6.75 -7.87
CA TYR A 304 21.13 -5.64 -6.92
C TYR A 304 21.20 -4.26 -7.63
N PRO A 305 20.62 -3.18 -7.00
CA PRO A 305 19.96 -3.04 -5.69
C PRO A 305 18.53 -3.63 -5.55
N PHE A 306 18.00 -4.25 -6.62
CA PHE A 306 16.64 -4.85 -6.63
C PHE A 306 15.48 -3.84 -6.76
N PHE A 307 15.81 -2.65 -7.23
CA PHE A 307 14.85 -1.71 -7.74
C PHE A 307 15.51 -0.88 -8.83
N ARG A 308 14.68 -0.19 -9.60
CA ARG A 308 15.12 0.86 -10.51
C ARG A 308 14.29 2.12 -10.27
N ALA A 309 14.97 3.27 -10.24
CA ALA A 309 14.35 4.58 -10.09
C ALA A 309 14.48 5.33 -11.40
N ASN A 310 13.42 6.01 -11.81
CA ASN A 310 13.46 6.89 -12.97
C ASN A 310 12.59 8.10 -12.71
N ILE A 311 13.22 9.23 -12.38
CA ILE A 311 12.49 10.45 -12.04
C ILE A 311 11.62 10.94 -13.18
N ARG A 312 12.04 10.61 -14.40
CA ARG A 312 11.34 11.02 -15.61
C ARG A 312 9.96 10.39 -15.73
N LYS A 313 9.71 9.31 -15.00
CA LYS A 313 8.40 8.64 -15.03
C LYS A 313 7.36 9.19 -14.01
N TYR A 314 7.72 10.19 -13.24
CA TYR A 314 6.77 10.84 -12.38
C TYR A 314 5.69 11.43 -13.28
N PRO A 315 4.41 11.27 -12.91
CA PRO A 315 3.33 11.74 -13.76
C PRO A 315 3.43 13.24 -14.09
N THR A 316 3.28 13.55 -15.37
CA THR A 316 3.21 14.94 -15.83
C THR A 316 1.98 15.65 -15.25
N LYS A 317 1.88 16.99 -15.35
CA LYS A 317 0.67 17.65 -14.85
C LYS A 317 -0.57 17.20 -15.64
N LYS A 318 -0.40 16.90 -16.91
CA LYS A 318 -1.50 16.33 -17.66
C LYS A 318 -1.99 14.99 -17.03
N GLN A 319 -1.06 14.06 -16.77
CA GLN A 319 -1.39 12.78 -16.13
C GLN A 319 -1.99 12.96 -14.73
N GLN A 320 -1.47 13.90 -13.96
CA GLN A 320 -2.01 14.23 -12.66
C GLN A 320 -3.42 14.75 -12.78
N LEU A 321 -3.67 15.56 -13.82
CA LEU A 321 -5.00 16.09 -14.04
C LEU A 321 -5.96 14.99 -14.43
N HIS A 322 -5.50 14.03 -15.19
CA HIS A 322 -6.34 12.90 -15.59
C HIS A 322 -6.75 12.11 -14.33
N PHE A 323 -5.77 11.82 -13.50
CA PHE A 323 -6.00 11.07 -12.26
C PHE A 323 -6.98 11.81 -11.36
N ILE A 324 -6.76 13.10 -11.10
CA ILE A 324 -7.66 13.81 -10.18
C ILE A 324 -9.02 14.16 -10.78
N SER A 325 -9.10 14.24 -12.11
CA SER A 325 -10.37 14.41 -12.77
C SER A 325 -11.25 13.18 -12.55
N SER A 326 -10.64 12.01 -12.34
CA SER A 326 -11.38 10.78 -11.94
C SER A 326 -11.57 10.67 -10.38
N TYR A 327 -10.58 11.10 -9.60
CA TYR A 327 -10.71 11.10 -8.11
C TYR A 327 -11.89 11.98 -7.63
N LEU A 328 -11.92 13.21 -8.14
CA LEU A 328 -12.80 14.22 -7.58
C LEU A 328 -14.30 13.88 -7.65
N PRO A 329 -14.82 13.52 -8.81
CA PRO A 329 -16.22 13.12 -8.84
C PRO A 329 -16.53 11.80 -8.11
N ALA A 330 -15.52 10.93 -7.93
CA ALA A 330 -15.70 9.74 -7.11
C ALA A 330 -15.75 10.11 -5.63
N PHE A 331 -14.97 11.11 -5.18
CA PHE A 331 -15.00 11.58 -3.82
C PHE A 331 -16.24 12.45 -3.54
N GLN A 332 -16.46 13.46 -4.38
CA GLN A 332 -17.63 14.37 -4.29
C GLN A 332 -18.67 14.07 -5.40
N ASN A 333 -19.80 13.50 -5.02
CA ASN A 333 -20.82 12.98 -5.98
C ASN A 333 -21.22 13.92 -7.15
N ASP A 334 -21.33 15.21 -6.88
CA ASP A 334 -21.83 16.21 -7.86
C ASP A 334 -20.76 17.23 -8.31
N PHE A 335 -19.48 16.85 -8.16
CA PHE A 335 -18.37 17.70 -8.54
C PHE A 335 -18.51 18.19 -9.98
N GLU A 336 -19.00 17.32 -10.86
CA GLU A 336 -19.17 17.63 -12.29
C GLU A 336 -20.22 18.73 -12.60
N ASN A 337 -20.93 19.23 -11.59
CA ASN A 337 -21.92 20.31 -11.78
C ASN A 337 -21.42 21.73 -11.48
N LEU A 338 -20.14 21.87 -11.19
CA LEU A 338 -19.58 23.13 -10.75
C LEU A 338 -19.03 23.93 -11.97
N SER A 339 -18.96 25.26 -11.86
CA SER A 339 -18.35 26.06 -12.93
C SER A 339 -16.93 25.53 -13.31
N THR A 340 -16.64 25.54 -14.62
CA THR A 340 -15.37 25.08 -15.16
C THR A 340 -14.20 25.69 -14.41
N GLU A 341 -14.30 26.97 -14.06
CA GLU A 341 -13.20 27.66 -13.36
C GLU A 341 -13.16 27.24 -11.90
N GLU A 342 -14.29 26.80 -11.35
CA GLU A 342 -14.32 26.33 -9.94
C GLU A 342 -13.71 24.93 -9.85
N LYS A 343 -14.15 24.05 -10.76
CA LYS A 343 -13.46 22.75 -10.95
C LYS A 343 -11.97 23.01 -11.22
N SER A 344 -11.66 23.95 -12.15
CA SER A 344 -10.26 24.34 -12.43
C SER A 344 -9.50 24.78 -11.24
N ILE A 345 -10.12 25.62 -10.40
CA ILE A 345 -9.49 26.13 -9.20
C ILE A 345 -9.24 24.97 -8.21
N ILE A 346 -10.25 24.12 -8.04
CA ILE A 346 -10.15 22.98 -7.09
C ILE A 346 -9.01 22.07 -7.57
N LYS A 347 -9.03 21.75 -8.86
CA LYS A 347 -7.99 20.92 -9.46
C LYS A 347 -6.60 21.52 -9.34
N GLU A 348 -6.45 22.84 -9.55
CA GLU A 348 -5.16 23.50 -9.45
CA GLU A 348 -5.13 23.46 -9.45
C GLU A 348 -4.66 23.42 -8.01
N GLU A 349 -5.54 23.69 -7.07
CA GLU A 349 -5.10 23.72 -5.71
C GLU A 349 -4.76 22.29 -5.19
N MET A 350 -5.46 21.30 -5.70
CA MET A 350 -5.21 19.89 -5.32
C MET A 350 -3.85 19.42 -5.84
N LEU A 351 -3.57 19.70 -7.12
CA LEU A 351 -2.28 19.38 -7.70
C LEU A 351 -1.12 20.01 -6.92
N LEU A 352 -1.25 21.27 -6.50
CA LEU A 352 -0.21 21.88 -5.66
C LEU A 352 -0.10 21.12 -4.31
N GLU A 353 -1.25 20.82 -3.69
CA GLU A 353 -1.35 19.97 -2.48
C GLU A 353 -0.61 18.60 -2.62
N VAL A 354 -0.93 17.87 -3.67
CA VAL A 354 -0.43 16.50 -3.84
CA VAL A 354 -0.45 16.50 -3.88
C VAL A 354 1.06 16.48 -4.14
N ASN A 355 1.56 17.48 -4.84
CA ASN A 355 2.97 17.53 -5.18
C ASN A 355 3.83 17.98 -4.00
N ARG A 356 3.27 18.82 -3.11
CA ARG A 356 3.92 19.10 -1.86
C ARG A 356 3.96 17.88 -0.91
N PHE A 357 2.83 17.17 -0.80
CA PHE A 357 2.81 15.95 0.01
C PHE A 357 3.62 14.81 -0.59
N ALA A 358 3.77 14.75 -1.91
CA ALA A 358 4.73 13.78 -2.44
C ALA A 358 6.14 13.94 -1.84
N LEU A 359 6.54 15.14 -1.44
CA LEU A 359 7.83 15.31 -0.82
C LEU A 359 7.91 14.51 0.49
N ALA A 360 6.78 14.44 1.23
CA ALA A 360 6.70 13.61 2.44
C ALA A 360 6.84 12.10 2.17
N SER A 361 6.36 11.65 1.01
CA SER A 361 6.55 10.25 0.56
C SER A 361 8.06 9.93 0.44
N HIS A 362 8.79 10.82 -0.20
CA HIS A 362 10.26 10.64 -0.30
C HIS A 362 10.93 10.60 1.03
N PHE A 363 10.57 11.56 1.89
CA PHE A 363 11.24 11.74 3.14
C PHE A 363 10.97 10.54 4.05
N LEU A 364 9.70 10.16 4.13
CA LEU A 364 9.28 9.08 4.99
C LEU A 364 9.89 7.76 4.55
N TRP A 365 9.73 7.39 3.28
CA TRP A 365 10.23 6.11 2.78
C TRP A 365 11.73 6.12 2.70
N GLY A 366 12.35 7.28 2.43
CA GLY A 366 13.80 7.38 2.58
C GLY A 366 14.25 7.04 3.99
N LEU A 367 13.66 7.67 4.99
CA LEU A 367 14.00 7.38 6.38
C LEU A 367 13.76 5.90 6.76
N TRP A 368 12.62 5.38 6.32
CA TRP A 368 12.23 3.99 6.56
C TRP A 368 13.31 3.00 6.02
N SER A 369 13.85 3.30 4.84
CA SER A 369 14.83 2.46 4.14
C SER A 369 16.20 2.42 4.87
N ILE A 370 16.65 3.57 5.40
CA ILE A 370 17.84 3.60 6.24
C ILE A 370 17.66 2.64 7.44
N VAL A 371 16.54 2.76 8.16
CA VAL A 371 16.21 1.93 9.33
C VAL A 371 16.21 0.47 8.92
N GLN A 372 15.59 0.15 7.79
CA GLN A 372 15.61 -1.21 7.27
C GLN A 372 17.01 -1.73 6.96
N ALA A 373 17.89 -0.88 6.42
CA ALA A 373 19.31 -1.25 6.15
C ALA A 373 19.96 -1.84 7.39
N LYS A 374 19.72 -1.19 8.51
CA LYS A 374 20.18 -1.65 9.80
C LYS A 374 19.47 -2.93 10.24
N ILE A 375 18.14 -2.91 10.28
CA ILE A 375 17.37 -4.03 10.90
C ILE A 375 16.82 -5.14 10.00
N SER A 376 16.69 -4.89 8.70
CA SER A 376 16.07 -5.90 7.81
C SER A 376 17.05 -6.99 7.40
N SER A 377 16.51 -8.15 7.01
CA SER A 377 17.29 -9.24 6.41
C SER A 377 16.82 -9.58 4.98
N ILE A 378 15.79 -8.89 4.50
CA ILE A 378 15.35 -9.02 3.12
C ILE A 378 16.46 -8.46 2.21
N GLU A 379 16.76 -9.14 1.11
CA GLU A 379 17.80 -8.69 0.18
C GLU A 379 17.26 -7.56 -0.68
N PHE A 380 17.83 -6.37 -0.49
CA PHE A 380 17.35 -5.16 -1.16
C PHE A 380 18.38 -4.07 -0.83
N GLY A 381 18.68 -3.25 -1.81
CA GLY A 381 19.65 -2.16 -1.67
C GLY A 381 19.05 -0.96 -0.94
N TYR A 382 18.86 -1.13 0.35
CA TYR A 382 18.08 -0.16 1.17
C TYR A 382 18.76 1.20 1.23
N MET A 383 20.10 1.22 1.32
CA MET A 383 20.81 2.51 1.42
C MET A 383 20.73 3.24 0.08
N ASP A 384 20.83 2.49 -0.99
CA ASP A 384 20.74 3.04 -2.32
C ASP A 384 19.35 3.55 -2.58
N TYR A 385 18.36 2.84 -2.07
CA TYR A 385 16.96 3.27 -2.23
C TYR A 385 16.72 4.57 -1.45
N ALA A 386 17.15 4.60 -0.21
CA ALA A 386 17.15 5.84 0.58
C ALA A 386 17.75 7.03 -0.18
N GLN A 387 18.91 6.84 -0.81
CA GLN A 387 19.52 7.90 -1.60
C GLN A 387 18.66 8.30 -2.80
N ALA A 388 18.06 7.34 -3.49
CA ALA A 388 17.17 7.66 -4.60
C ALA A 388 15.96 8.52 -4.14
N ARG A 389 15.40 8.20 -2.99
CA ARG A 389 14.24 8.96 -2.45
C ARG A 389 14.66 10.35 -2.03
N PHE A 390 15.78 10.47 -1.35
CA PHE A 390 16.28 11.80 -1.01
C PHE A 390 16.70 12.66 -2.22
N ASP A 391 17.28 12.02 -3.23
CA ASP A 391 17.58 12.67 -4.51
C ASP A 391 16.30 13.22 -5.12
N ALA A 392 15.21 12.42 -5.15
CA ALA A 392 13.92 12.92 -5.66
C ALA A 392 13.29 14.00 -4.81
N TYR A 393 13.44 13.91 -3.48
CA TYR A 393 12.95 14.93 -2.57
C TYR A 393 13.58 16.28 -2.95
N PHE A 394 14.89 16.30 -3.14
CA PHE A 394 15.53 17.62 -3.38
C PHE A 394 15.23 18.13 -4.81
N HIS A 395 15.22 17.22 -5.78
CA HIS A 395 14.88 17.56 -7.15
C HIS A 395 13.48 18.18 -7.21
N GLN A 396 12.52 17.60 -6.52
CA GLN A 396 11.14 18.06 -6.63
C GLN A 396 10.91 19.29 -5.82
N LYS A 397 11.60 19.40 -4.68
CA LYS A 397 11.60 20.61 -3.85
C LYS A 397 12.02 21.86 -4.69
N ARG A 398 13.01 21.62 -5.55
CA ARG A 398 13.66 22.59 -6.45
C ARG A 398 12.70 23.07 -7.56
N LYS A 399 12.07 22.13 -8.27
CA LYS A 399 11.08 22.46 -9.31
C LYS A 399 9.85 23.16 -8.72
N LEU A 400 9.43 22.77 -7.53
CA LEU A 400 8.33 23.45 -6.84
C LEU A 400 8.69 24.88 -6.44
N GLY A 401 9.97 25.11 -6.14
CA GLY A 401 10.48 26.45 -5.85
C GLY A 401 11.09 26.53 -4.47
CL CL B . -8.50 18.99 -16.69
UNK UNX C . 7.83 -0.18 0.37
UNK UNX D . 21.95 -1.59 2.13
UNK UNX E . 6.71 -30.77 10.73
UNK UNX F . 26.61 -2.82 8.38
UNK UNX G . -6.82 -12.12 -0.78
UNK UNX H . -12.38 -14.60 -5.06
UNK UNX I . -6.53 4.43 15.93
UNK UNX J . 6.98 -3.68 -11.51
UNK UNX K . -15.99 30.28 -14.28
UNK UNX L . 6.37 1.74 -8.09
UNK UNX M . -0.28 -8.90 0.56
#